data_9VZ0
#
_entry.id   9VZ0
#
_cell.length_a   1.00
_cell.length_b   1.00
_cell.length_c   1.00
_cell.angle_alpha   90.00
_cell.angle_beta   90.00
_cell.angle_gamma   90.00
#
_symmetry.space_group_name_H-M   'P 1'
#
loop_
_entity.id
_entity.type
_entity.pdbx_description
1 polymer Hdf
2 polymer 'Defense against restriction protein A'
#
loop_
_entity_poly.entity_id
_entity_poly.type
_entity_poly.pdbx_seq_one_letter_code
_entity_poly.pdbx_strand_id
1 'polypeptide(L)'
;MCQMTKNKYATVDFDQVNEKGLKSLITAINKTGVTVIEVDSSNRATTKDGVKVKTAKLVLSDGQILAIQVNDTGDISSVK
LNGKAIPNAQSPDIKTLGTVMGQAARKNSAKFQKSLIAKAKRVANPVDKKPAVKSNFQRLQEAKQRNAQVVAAYKSAQNS
VSFNQQQITDLRAKLDKETGRLNNEKARNGELKRRLKQLKAGN
;
H
2 'polypeptide(L)'
;MEQFNINKGMTIKPGLDVLPPPVTDDEYRALMAGEDRYLMTESNTLEEIEATFFYDTPIHWCATDLLEAISSTRLQLHRT
MQAFVRALNQKLNGTGISAGSDKTGDVAQSGARAIGGAEIGRARNVNGLPVLPAIIPLSDGQTISILFHSPTAENRITNS
DTLVAFQFLLNKKDVTHTVAPMSGRDMTLAQVTMKLANLAEKNSAKFQRAQKKKKALVDEITQLQADSDQKEDAMSDLAD
QVAAVEGQKADLEQKINAVASEADSLYEENERLQGEIDRLNRTGGRDTIAPAGMTGGHSRALTDRLASIKNRMHMDGEAT
LSNGASMKQFIGDGEGYIQLTDPDGSVYMIKAKSIQGVDMADAIGKLFKAYKAGNVSEYLVQPEEHKPENVEPESAEDTG
SSSPEPEVSVGAYRYALQMRPAAPGAIPEGNKAILPRPDEGDPYYEYARYGIATYDTPLSDQQMSEYDLKLLPREDSFDF
LAKTLTNGPFGKYAQKALELATNSPDEFRVMLKTQFQKTFPNIAFPGGAGTEKMVQSMINALQAEVGEITQPEPAPAQPD
ETVSEADAEANKAIEYLNNVMDMQSTDMAEIRNARGNVREAIAALQTAGRFEENEELVNGAARHLADLLVAIQKAGVAA
;
I
#
# COMPACT_ATOMS: atom_id res chain seq x y z
N SER A 135 7.25 -2.09 -8.79
CA SER A 135 7.88 -2.73 -7.63
C SER A 135 6.91 -2.77 -6.45
N ASN A 136 6.97 -3.86 -5.67
CA ASN A 136 6.16 -3.96 -4.46
C ASN A 136 6.83 -3.25 -3.28
N PHE A 137 8.10 -2.90 -3.40
CA PHE A 137 8.82 -2.29 -2.29
C PHE A 137 8.31 -0.88 -2.00
N GLN A 138 8.07 -0.10 -3.05
CA GLN A 138 7.43 1.21 -2.88
C GLN A 138 6.03 1.05 -2.30
N ARG A 139 5.34 -0.02 -2.68
CA ARG A 139 4.03 -0.30 -2.08
C ARG A 139 4.16 -0.53 -0.59
N LEU A 140 5.18 -1.27 -0.16
CA LEU A 140 5.45 -1.43 1.27
C LEU A 140 5.65 -0.08 1.94
N GLN A 141 6.47 0.78 1.31
CA GLN A 141 6.73 2.10 1.87
C GLN A 141 5.44 2.88 2.09
N GLU A 142 4.64 3.00 1.03
CA GLU A 142 3.43 3.80 1.12
C GLU A 142 2.43 3.19 2.09
N ALA A 143 2.28 1.87 2.06
CA ALA A 143 1.33 1.22 2.95
C ALA A 143 1.68 1.45 4.41
N LYS A 144 2.96 1.30 4.76
CA LYS A 144 3.30 1.42 6.18
C LYS A 144 3.25 2.87 6.63
N GLN A 145 3.66 3.81 5.77
CA GLN A 145 3.58 5.21 6.19
C GLN A 145 2.14 5.68 6.35
N ARG A 146 1.26 5.28 5.41
CA ARG A 146 -0.16 5.61 5.58
C ARG A 146 -0.74 4.93 6.80
N ASN A 147 -0.26 3.71 7.11
CA ASN A 147 -0.76 3.00 8.28
C ASN A 147 -0.43 3.76 9.56
N ALA A 148 0.84 4.17 9.70
CA ALA A 148 1.23 4.92 10.90
C ALA A 148 0.46 6.23 10.99
N GLN A 149 0.34 6.93 9.86
CA GLN A 149 -0.40 8.19 9.86
C GLN A 149 -1.82 7.98 10.34
N VAL A 150 -2.48 6.95 9.83
CA VAL A 150 -3.89 6.75 10.14
C VAL A 150 -4.07 6.34 11.59
N VAL A 151 -3.17 5.51 12.13
CA VAL A 151 -3.33 5.12 13.53
C VAL A 151 -3.11 6.31 14.46
N ALA A 152 -2.14 7.18 14.14
CA ALA A 152 -1.95 8.37 14.97
C ALA A 152 -3.20 9.25 14.94
N ALA A 153 -3.75 9.47 13.75
CA ALA A 153 -4.96 10.26 13.63
C ALA A 153 -6.11 9.65 14.41
N TYR A 154 -6.24 8.32 14.35
CA TYR A 154 -7.31 7.63 15.04
C TYR A 154 -7.22 7.84 16.55
N LYS A 155 -6.01 7.71 17.11
CA LYS A 155 -5.87 7.88 18.56
C LYS A 155 -6.22 9.31 18.98
N SER A 156 -5.66 10.32 18.30
CA SER A 156 -5.92 11.69 18.71
C SER A 156 -7.41 12.01 18.59
N ALA A 157 -8.03 11.61 17.48
CA ALA A 157 -9.43 11.90 17.28
C ALA A 157 -10.32 11.12 18.23
N GLN A 158 -9.82 9.99 18.78
CA GLN A 158 -10.60 9.27 19.78
C GLN A 158 -10.54 9.98 21.14
N ASN A 159 -9.41 10.61 21.47
CA ASN A 159 -9.36 11.33 22.75
C ASN A 159 -10.14 12.66 22.73
N SER A 160 -10.22 13.28 21.55
CA SER A 160 -10.84 14.60 21.45
C SER A 160 -12.26 14.65 22.03
N VAL A 161 -13.05 13.57 21.85
CA VAL A 161 -14.45 13.62 22.25
C VAL A 161 -14.58 13.63 23.78
N SER A 162 -13.82 12.78 24.47
CA SER A 162 -13.83 12.87 25.92
C SER A 162 -13.40 14.25 26.38
N PHE A 163 -12.36 14.81 25.75
CA PHE A 163 -11.92 16.14 26.15
C PHE A 163 -13.05 17.15 26.03
N ASN A 164 -13.72 17.20 24.87
CA ASN A 164 -14.64 18.30 24.66
C ASN A 164 -15.89 18.14 25.52
N GLN A 165 -16.28 16.89 25.81
CA GLN A 165 -17.36 16.69 26.78
C GLN A 165 -16.99 17.28 28.14
N GLN A 166 -15.77 17.00 28.60
CA GLN A 166 -15.34 17.56 29.88
C GLN A 166 -15.45 19.08 29.89
N GLN A 167 -14.92 19.73 28.84
CA GLN A 167 -14.86 21.18 28.90
C GLN A 167 -16.25 21.82 28.75
N ILE A 168 -17.15 21.20 28.00
CA ILE A 168 -18.49 21.77 27.92
C ILE A 168 -19.19 21.66 29.28
N THR A 169 -18.96 20.56 30.00
CA THR A 169 -19.53 20.48 31.35
C THR A 169 -18.98 21.60 32.24
N ASP A 170 -17.68 21.85 32.13
CA ASP A 170 -17.10 22.94 32.93
C ASP A 170 -17.75 24.28 32.60
N LEU A 171 -17.99 24.53 31.32
CA LEU A 171 -18.61 25.80 30.94
C LEU A 171 -20.01 25.92 31.51
N ARG A 172 -20.79 24.83 31.48
CA ARG A 172 -22.10 24.86 32.09
C ARG A 172 -22.01 25.24 33.57
N ALA A 173 -21.03 24.67 34.28
CA ALA A 173 -20.89 24.98 35.70
C ALA A 173 -20.61 26.47 35.92
N LYS A 174 -19.70 27.03 35.13
CA LYS A 174 -19.38 28.45 35.28
C LYS A 174 -20.61 29.32 35.04
N LEU A 175 -21.37 28.99 34.00
CA LEU A 175 -22.58 29.75 33.71
C LEU A 175 -23.54 29.71 34.90
N ASP A 176 -23.73 28.54 35.49
CA ASP A 176 -24.67 28.42 36.60
C ASP A 176 -24.22 29.27 37.79
N LYS A 177 -22.92 29.25 38.09
CA LYS A 177 -22.42 30.08 39.19
C LYS A 177 -22.71 31.55 38.95
N GLU A 178 -22.42 32.02 37.73
CA GLU A 178 -22.66 33.44 37.43
C GLU A 178 -24.14 33.78 37.53
N THR A 179 -25.00 32.88 37.08
CA THR A 179 -26.44 33.13 37.19
C THR A 179 -26.87 33.25 38.64
N GLY A 180 -26.32 32.42 39.52
CA GLY A 180 -26.65 32.55 40.93
C GLY A 180 -26.29 33.91 41.50
N ARG A 181 -25.09 34.39 41.19
CA ARG A 181 -24.70 35.71 41.68
C ARG A 181 -25.64 36.80 41.13
N LEU A 182 -26.01 36.68 39.85
CA LEU A 182 -26.92 37.66 39.26
C LEU A 182 -28.27 37.63 39.95
N ASN A 183 -28.77 36.44 40.25
CA ASN A 183 -30.02 36.31 40.99
C ASN A 183 -29.96 37.10 42.29
N ASN A 184 -28.88 36.90 43.05
CA ASN A 184 -28.75 37.61 44.32
C ASN A 184 -28.77 39.12 44.10
N GLU A 185 -28.03 39.61 43.12
CA GLU A 185 -27.98 41.05 42.87
C GLU A 185 -29.34 41.60 42.50
N LYS A 186 -30.10 40.88 41.67
CA LYS A 186 -31.43 41.36 41.29
C LYS A 186 -32.35 41.45 42.50
N ALA A 187 -32.30 40.46 43.38
CA ALA A 187 -33.14 40.52 44.58
C ALA A 187 -32.80 41.76 45.40
N ARG A 188 -31.50 42.02 45.59
CA ARG A 188 -31.11 43.19 46.36
C ARG A 188 -31.60 44.47 45.71
N ASN A 189 -31.46 44.58 44.39
CA ASN A 189 -31.90 45.78 43.69
C ASN A 189 -33.38 46.02 43.87
N GLY A 190 -34.19 44.97 43.71
CA GLY A 190 -35.62 45.13 43.86
C GLY A 190 -35.99 45.58 45.26
N GLU A 191 -35.42 44.94 46.27
CA GLU A 191 -35.74 45.30 47.68
C GLU A 191 -35.37 46.77 47.94
N LEU A 192 -34.19 47.19 47.48
CA LEU A 192 -33.73 48.55 47.74
C LEU A 192 -34.59 49.59 47.02
N LYS A 193 -34.96 49.34 45.77
CA LYS A 193 -35.85 50.26 45.07
C LYS A 193 -37.21 50.37 45.76
N ARG A 194 -37.78 49.23 46.18
CA ARG A 194 -39.05 49.28 46.88
C ARG A 194 -38.95 50.10 48.16
N ARG A 195 -37.87 49.92 48.92
CA ARG A 195 -37.69 50.69 50.15
C ARG A 195 -37.58 52.17 49.86
N LEU A 196 -36.90 52.55 48.78
CA LEU A 196 -36.83 53.97 48.43
C LEU A 196 -38.22 54.53 48.15
N LYS A 197 -38.98 53.85 47.29
CA LYS A 197 -40.31 54.34 46.93
C LYS A 197 -41.19 54.44 48.16
N GLN A 198 -41.02 53.52 49.10
CA GLN A 198 -41.71 53.67 50.36
C GLN A 198 -41.28 54.95 51.05
N LEU A 199 -39.98 55.24 51.05
CA LEU A 199 -39.48 56.37 51.84
C LEU A 199 -40.01 57.70 51.32
N LYS A 200 -39.85 57.97 50.02
CA LYS A 200 -40.02 59.35 49.57
C LYS A 200 -41.49 59.76 49.41
N ALA A 201 -42.42 58.82 49.48
CA ALA A 201 -43.82 59.12 49.18
C ALA A 201 -44.38 60.12 50.17
N GLY A 202 -45.20 61.05 49.67
CA GLY A 202 -45.87 62.00 50.51
C GLY A 202 -44.98 63.06 51.12
N ASN A 203 -43.73 63.15 50.70
CA ASN A 203 -42.76 64.12 51.22
C ASN A 203 -42.58 63.94 52.72
N ILE B 70 25.98 -27.11 -37.62
CA ILE B 70 25.70 -28.39 -36.96
C ILE B 70 24.49 -29.08 -37.58
N SER B 71 23.41 -28.33 -37.80
CA SER B 71 22.14 -28.93 -38.13
C SER B 71 21.44 -28.15 -39.23
N SER B 72 20.53 -28.83 -39.92
CA SER B 72 19.66 -28.18 -40.90
C SER B 72 18.60 -27.34 -40.18
N THR B 73 17.96 -26.45 -40.93
CA THR B 73 16.91 -25.63 -40.34
C THR B 73 15.72 -26.48 -39.90
N ARG B 74 15.32 -27.45 -40.72
CA ARG B 74 14.18 -28.29 -40.41
C ARG B 74 14.49 -29.78 -40.54
N LEU B 75 15.50 -30.15 -41.31
CA LEU B 75 15.77 -31.55 -41.59
C LEU B 75 16.67 -32.22 -40.56
N GLN B 76 17.30 -31.44 -39.68
CA GLN B 76 18.15 -31.99 -38.65
C GLN B 76 17.88 -31.39 -37.27
N LEU B 77 17.09 -30.32 -37.18
CA LEU B 77 16.88 -29.65 -35.90
C LEU B 77 16.13 -30.53 -34.91
N HIS B 78 14.99 -31.09 -35.34
CA HIS B 78 14.14 -31.85 -34.44
C HIS B 78 14.87 -33.08 -33.88
N ARG B 79 15.56 -33.82 -34.75
CA ARG B 79 16.25 -35.03 -34.32
C ARG B 79 17.35 -34.70 -33.32
N THR B 80 18.16 -33.68 -33.63
CA THR B 80 19.23 -33.29 -32.72
C THR B 80 18.66 -32.85 -31.38
N MET B 81 17.55 -32.13 -31.41
CA MET B 81 16.94 -31.67 -30.17
C MET B 81 16.40 -32.84 -29.33
N GLN B 82 15.76 -33.81 -29.96
CA GLN B 82 15.25 -34.93 -29.17
C GLN B 82 16.39 -35.78 -28.63
N ALA B 83 17.47 -35.93 -29.41
CA ALA B 83 18.64 -36.65 -28.89
C ALA B 83 19.27 -35.89 -27.73
N PHE B 84 19.36 -34.57 -27.82
CA PHE B 84 19.91 -33.77 -26.74
C PHE B 84 19.05 -33.88 -25.49
N VAL B 85 17.73 -33.84 -25.66
CA VAL B 85 16.83 -33.97 -24.52
C VAL B 85 16.97 -35.36 -23.89
N ARG B 86 17.10 -36.40 -24.72
CA ARG B 86 17.29 -37.74 -24.19
C ARG B 86 18.60 -37.86 -23.41
N ALA B 87 19.67 -37.25 -23.91
CA ALA B 87 20.94 -37.27 -23.18
C ALA B 87 20.81 -36.55 -21.84
N LEU B 88 20.18 -35.37 -21.85
CA LEU B 88 19.96 -34.64 -20.59
C LEU B 88 19.18 -35.49 -19.61
N ASN B 89 18.09 -36.09 -20.07
CA ASN B 89 17.26 -36.92 -19.19
C ASN B 89 18.04 -38.10 -18.64
N GLN B 90 18.84 -38.76 -19.48
CA GLN B 90 19.59 -39.93 -19.02
C GLN B 90 20.62 -39.53 -17.98
N LYS B 91 21.28 -38.39 -18.16
CA LYS B 91 22.31 -38.02 -17.20
C LYS B 91 21.81 -37.12 -16.08
N LEU B 92 20.53 -36.75 -16.07
CA LEU B 92 19.95 -36.01 -14.96
C LEU B 92 19.15 -36.93 -14.04
N ASN B 93 19.48 -38.22 -14.06
CA ASN B 93 18.70 -39.22 -13.32
C ASN B 93 18.78 -38.99 -11.82
N GLY B 94 19.96 -38.65 -11.30
CA GLY B 94 20.13 -38.51 -9.87
C GLY B 94 19.28 -37.40 -9.28
N THR B 95 19.21 -36.27 -9.98
CA THR B 95 18.40 -35.15 -9.52
C THR B 95 16.97 -35.31 -9.99
N GLY B 96 16.02 -34.91 -9.15
CA GLY B 96 14.61 -35.06 -9.47
C GLY B 96 14.15 -34.26 -10.68
N ILE B 97 14.97 -33.32 -11.15
CA ILE B 97 14.60 -32.52 -12.31
C ILE B 97 14.60 -33.40 -13.55
N SER B 98 13.60 -33.22 -14.41
CA SER B 98 13.52 -33.90 -15.70
C SER B 98 13.22 -32.89 -16.78
N ALA B 99 13.54 -33.25 -18.02
CA ALA B 99 13.35 -32.39 -19.18
C ALA B 99 12.35 -33.02 -20.14
N GLY B 100 11.52 -32.19 -20.75
CA GLY B 100 10.52 -32.69 -21.68
C GLY B 100 9.56 -31.59 -22.05
N SER B 101 8.52 -31.98 -22.79
CA SER B 101 7.45 -31.07 -23.17
C SER B 101 6.11 -31.76 -22.94
N ASP B 102 5.16 -31.02 -22.38
CA ASP B 102 3.79 -31.52 -22.23
C ASP B 102 2.98 -31.43 -23.51
N LYS B 103 3.48 -30.72 -24.52
CA LYS B 103 2.71 -30.53 -25.75
C LYS B 103 2.67 -31.82 -26.55
N THR B 104 1.46 -32.19 -26.99
CA THR B 104 1.26 -33.37 -27.83
C THR B 104 0.50 -32.95 -29.08
N GLY B 105 1.21 -32.40 -30.04
CA GLY B 105 0.62 -32.14 -31.35
C GLY B 105 -0.62 -31.30 -31.28
N ASP B 106 -1.69 -31.79 -31.91
CA ASP B 106 -2.94 -31.07 -32.02
C ASP B 106 -4.07 -32.09 -31.82
N VAL B 107 -5.30 -31.68 -32.16
CA VAL B 107 -6.45 -32.54 -31.89
C VAL B 107 -6.44 -33.77 -32.77
N ALA B 108 -5.85 -33.67 -33.97
CA ALA B 108 -5.77 -34.83 -34.86
C ALA B 108 -4.72 -35.80 -34.34
N GLN B 109 -5.07 -37.09 -34.32
CA GLN B 109 -4.26 -38.13 -33.69
C GLN B 109 -3.70 -39.04 -34.79
N SER B 110 -2.58 -38.64 -35.36
CA SER B 110 -1.90 -39.40 -36.40
C SER B 110 -0.65 -40.07 -35.86
N GLY B 111 -0.33 -41.23 -36.42
CA GLY B 111 0.85 -41.96 -36.03
C GLY B 111 2.12 -41.30 -36.52
N ALA B 112 3.25 -41.91 -36.16
CA ALA B 112 4.58 -41.40 -36.49
C ALA B 112 4.75 -39.97 -35.96
N ARG B 113 4.66 -39.86 -34.64
CA ARG B 113 4.64 -38.58 -33.95
C ARG B 113 5.79 -38.51 -32.96
N ALA B 114 6.59 -37.45 -33.06
CA ALA B 114 7.72 -37.23 -32.15
C ALA B 114 7.19 -36.40 -30.98
N ILE B 115 6.49 -37.08 -30.06
CA ILE B 115 5.80 -36.38 -28.98
C ILE B 115 6.80 -35.72 -28.04
N GLY B 116 7.81 -36.48 -27.62
CA GLY B 116 8.80 -35.99 -26.67
C GLY B 116 9.90 -35.22 -27.38
N GLY B 117 10.32 -34.11 -26.77
CA GLY B 117 11.32 -33.26 -27.37
C GLY B 117 11.11 -31.82 -26.96
N ALA B 118 11.78 -30.94 -27.70
CA ALA B 118 11.71 -29.51 -27.44
C ALA B 118 10.82 -28.82 -28.47
N GLU B 119 10.83 -27.48 -28.43
CA GLU B 119 9.98 -26.65 -29.26
C GLU B 119 10.81 -25.61 -30.01
N ILE B 120 10.29 -25.15 -31.14
CA ILE B 120 10.98 -24.22 -32.03
C ILE B 120 10.08 -23.00 -32.23
N GLY B 121 10.67 -21.80 -32.11
CA GLY B 121 9.93 -20.57 -32.23
C GLY B 121 10.08 -19.90 -33.59
N ARG B 122 9.24 -18.89 -33.81
CA ARG B 122 9.25 -18.14 -35.06
C ARG B 122 10.57 -17.38 -35.20
N ALA B 123 11.10 -17.36 -36.42
CA ALA B 123 12.36 -16.69 -36.65
C ALA B 123 12.23 -15.19 -36.43
N ARG B 124 13.33 -14.59 -35.99
CA ARG B 124 13.41 -13.14 -35.83
C ARG B 124 14.74 -12.69 -36.42
N ASN B 125 14.98 -11.39 -36.41
CA ASN B 125 16.20 -10.81 -36.94
C ASN B 125 16.73 -9.78 -35.96
N VAL B 126 17.97 -9.97 -35.50
CA VAL B 126 18.54 -9.12 -34.47
C VAL B 126 19.09 -7.82 -35.05
N ASN B 127 20.07 -7.89 -35.95
CA ASN B 127 20.64 -6.72 -36.59
C ASN B 127 20.88 -7.00 -38.06
N GLY B 128 19.90 -7.64 -38.71
CA GLY B 128 20.02 -8.04 -40.09
C GLY B 128 20.43 -9.48 -40.31
N LEU B 129 20.42 -10.29 -39.27
CA LEU B 129 20.86 -11.67 -39.39
C LEU B 129 19.74 -12.61 -38.97
N PRO B 130 19.68 -13.81 -39.53
CA PRO B 130 18.66 -14.77 -39.09
C PRO B 130 18.84 -15.16 -37.63
N VAL B 131 17.72 -15.33 -36.92
CA VAL B 131 17.69 -15.77 -35.54
C VAL B 131 16.64 -16.87 -35.43
N LEU B 132 17.03 -18.03 -34.89
CA LEU B 132 16.10 -19.14 -34.73
C LEU B 132 16.26 -19.77 -33.35
N PRO B 133 15.23 -19.76 -32.51
CA PRO B 133 15.36 -20.28 -31.14
C PRO B 133 14.96 -21.74 -31.01
N ALA B 134 15.41 -22.35 -29.92
CA ALA B 134 15.02 -23.69 -29.52
C ALA B 134 14.91 -23.72 -28.00
N ILE B 135 13.68 -23.85 -27.50
CA ILE B 135 13.40 -23.76 -26.07
C ILE B 135 13.26 -25.17 -25.53
N ILE B 136 13.99 -25.47 -24.46
CA ILE B 136 13.87 -26.73 -23.74
C ILE B 136 13.29 -26.42 -22.36
N PRO B 137 11.96 -26.62 -22.13
CA PRO B 137 11.36 -26.33 -20.85
C PRO B 137 11.57 -27.47 -19.87
N LEU B 138 12.40 -27.24 -18.86
CA LEU B 138 12.68 -28.26 -17.86
C LEU B 138 11.63 -28.23 -16.76
N SER B 139 11.58 -29.30 -15.99
CA SER B 139 10.77 -29.32 -14.79
C SER B 139 11.28 -28.28 -13.80
N ASP B 140 10.54 -28.12 -12.70
CA ASP B 140 10.95 -27.27 -11.58
C ASP B 140 10.80 -25.79 -11.90
N GLY B 141 10.43 -25.46 -13.14
CA GLY B 141 10.15 -24.10 -13.54
C GLY B 141 11.28 -23.41 -14.28
N GLN B 142 12.41 -24.10 -14.48
CA GLN B 142 13.52 -23.50 -15.21
C GLN B 142 13.46 -23.87 -16.69
N THR B 143 14.25 -23.17 -17.50
CA THR B 143 14.33 -23.44 -18.93
C THR B 143 15.77 -23.38 -19.40
N ILE B 144 16.05 -24.04 -20.52
CA ILE B 144 17.33 -23.98 -21.19
C ILE B 144 17.06 -23.67 -22.66
N SER B 145 17.70 -22.65 -23.18
CA SER B 145 17.51 -22.27 -24.58
C SER B 145 18.85 -22.18 -25.29
N ILE B 146 18.92 -22.83 -26.45
CA ILE B 146 20.08 -22.77 -27.33
C ILE B 146 19.65 -22.10 -28.62
N LEU B 147 20.57 -21.37 -29.24
CA LEU B 147 20.23 -20.49 -30.35
C LEU B 147 21.07 -20.83 -31.57
N PHE B 148 20.44 -20.81 -32.74
CA PHE B 148 21.08 -21.10 -34.01
C PHE B 148 21.09 -19.85 -34.90
N HIS B 149 21.99 -19.84 -35.87
CA HIS B 149 22.04 -18.80 -36.89
C HIS B 149 22.66 -19.39 -38.14
N SER B 150 22.34 -18.79 -39.28
CA SER B 150 22.77 -19.30 -40.58
C SER B 150 23.81 -18.39 -41.21
N PRO B 151 25.09 -18.75 -41.18
CA PRO B 151 26.09 -17.98 -41.95
C PRO B 151 26.14 -18.35 -43.41
N THR B 152 25.77 -19.59 -43.76
CA THR B 152 25.92 -20.06 -45.16
C THR B 152 24.82 -19.49 -46.05
N ALA B 153 23.66 -19.16 -45.48
CA ALA B 153 22.53 -18.65 -46.23
C ALA B 153 22.16 -17.25 -45.76
N GLU B 154 21.75 -16.43 -46.72
CA GLU B 154 21.30 -15.06 -46.47
C GLU B 154 19.79 -14.99 -46.64
N ASN B 155 19.24 -13.78 -46.46
CA ASN B 155 17.81 -13.49 -46.67
C ASN B 155 17.06 -14.33 -45.62
N ARG B 156 16.04 -15.10 -46.01
CA ARG B 156 15.28 -15.88 -45.05
C ARG B 156 15.99 -17.20 -44.75
N ILE B 157 15.57 -17.85 -43.66
CA ILE B 157 16.20 -19.08 -43.22
C ILE B 157 15.97 -20.20 -44.23
N THR B 158 14.83 -20.20 -44.91
CA THR B 158 14.44 -21.25 -45.86
C THR B 158 14.55 -22.64 -45.25
N ASN B 159 15.12 -23.58 -45.99
CA ASN B 159 15.19 -24.97 -45.58
C ASN B 159 16.50 -25.58 -46.05
N SER B 160 16.83 -26.76 -45.51
CA SER B 160 18.08 -27.47 -45.92
C SER B 160 19.26 -26.50 -45.87
N ASP B 161 19.58 -25.99 -44.68
CA ASP B 161 20.67 -25.00 -44.54
C ASP B 161 21.41 -25.24 -43.22
N THR B 162 22.72 -25.40 -43.27
CA THR B 162 23.48 -25.67 -42.05
C THR B 162 23.31 -24.54 -41.05
N LEU B 163 23.30 -24.92 -39.76
CA LEU B 163 23.07 -23.97 -38.68
C LEU B 163 24.18 -24.14 -37.64
N VAL B 164 24.45 -23.07 -36.91
CA VAL B 164 25.58 -23.02 -35.97
C VAL B 164 25.02 -22.77 -34.58
N ALA B 165 25.39 -23.64 -33.64
CA ALA B 165 25.01 -23.45 -32.24
C ALA B 165 26.13 -22.76 -31.49
N PHE B 166 25.86 -21.56 -31.00
CA PHE B 166 26.89 -20.77 -30.32
C PHE B 166 26.45 -20.26 -28.95
N GLN B 167 25.18 -19.89 -28.78
CA GLN B 167 24.70 -19.23 -27.58
C GLN B 167 23.87 -20.19 -26.75
N PHE B 168 24.19 -20.30 -25.47
CA PHE B 168 23.48 -21.15 -24.53
C PHE B 168 22.96 -20.28 -23.39
N LEU B 169 21.66 -20.36 -23.13
CA LEU B 169 21.01 -19.51 -22.12
C LEU B 169 20.31 -20.37 -21.09
N LEU B 170 20.45 -20.01 -19.82
CA LEU B 170 19.80 -20.68 -18.70
C LEU B 170 19.04 -19.64 -17.89
N ASN B 171 17.72 -19.79 -17.80
CA ASN B 171 16.86 -18.88 -17.05
C ASN B 171 17.05 -17.43 -17.47
N LYS B 172 17.16 -17.22 -18.79
CA LYS B 172 17.24 -15.92 -19.47
C LYS B 172 18.59 -15.24 -19.24
N LYS B 173 19.44 -15.77 -18.37
CA LYS B 173 20.75 -15.19 -18.13
C LYS B 173 21.78 -15.84 -19.05
N ASP B 174 22.55 -15.01 -19.74
CA ASP B 174 23.58 -15.51 -20.63
C ASP B 174 24.57 -16.37 -19.86
N VAL B 175 24.71 -17.59 -20.30
CA VAL B 175 25.72 -18.40 -19.57
C VAL B 175 26.71 -19.10 -20.48
N THR B 176 26.59 -18.78 -21.77
CA THR B 176 27.54 -19.32 -22.73
C THR B 176 28.99 -19.04 -22.30
N HIS B 177 29.21 -17.96 -21.57
CA HIS B 177 30.57 -17.50 -21.27
C HIS B 177 31.38 -18.54 -20.50
N THR B 178 30.74 -19.37 -19.70
CA THR B 178 31.43 -20.43 -18.96
C THR B 178 31.24 -21.81 -19.55
N VAL B 179 30.07 -22.08 -20.14
CA VAL B 179 29.81 -23.40 -20.71
C VAL B 179 30.63 -23.61 -21.97
N ALA B 180 30.75 -22.59 -22.81
CA ALA B 180 31.37 -22.73 -24.14
C ALA B 180 32.43 -21.66 -24.36
N PRO B 181 33.51 -21.68 -23.59
CA PRO B 181 34.78 -21.14 -24.10
C PRO B 181 35.22 -21.88 -25.36
N MET B 182 36.01 -21.20 -26.18
CA MET B 182 36.70 -21.86 -27.28
C MET B 182 38.09 -22.29 -26.83
N SER B 183 38.37 -23.59 -26.93
CA SER B 183 39.60 -24.16 -26.38
C SER B 183 40.05 -25.32 -27.26
N GLY B 184 41.29 -25.24 -27.75
CA GLY B 184 41.83 -26.31 -28.56
C GLY B 184 41.17 -26.48 -29.90
N ARG B 185 40.36 -25.51 -30.32
CA ARG B 185 39.61 -25.56 -31.56
C ARG B 185 38.70 -26.79 -31.64
N ASP B 186 38.13 -27.22 -30.52
CA ASP B 186 37.22 -28.36 -30.48
C ASP B 186 36.43 -28.31 -29.17
N MET B 187 35.37 -29.13 -29.10
CA MET B 187 34.51 -29.19 -27.92
C MET B 187 33.65 -30.45 -27.96
N THR B 188 33.45 -31.08 -26.80
CA THR B 188 32.56 -32.23 -26.69
C THR B 188 31.22 -31.83 -26.09
N LEU B 189 30.25 -32.74 -26.20
CA LEU B 189 28.88 -32.44 -25.78
C LEU B 189 28.64 -32.80 -24.32
N ALA B 190 29.40 -33.78 -23.80
CA ALA B 190 29.20 -34.23 -22.43
C ALA B 190 29.45 -33.11 -21.44
N GLN B 191 30.51 -32.32 -21.67
CA GLN B 191 30.77 -31.17 -20.82
C GLN B 191 29.57 -30.22 -20.81
N VAL B 192 29.02 -29.93 -21.99
CA VAL B 192 27.89 -29.02 -22.07
C VAL B 192 26.72 -29.56 -21.25
N THR B 193 26.37 -30.82 -21.48
CA THR B 193 25.20 -31.39 -20.80
C THR B 193 25.38 -31.37 -19.29
N MET B 194 26.54 -31.83 -18.81
CA MET B 194 26.77 -31.87 -17.36
C MET B 194 26.80 -30.48 -16.78
N LYS B 195 27.37 -29.51 -17.50
CA LYS B 195 27.46 -28.16 -16.99
C LYS B 195 26.08 -27.55 -16.82
N LEU B 196 25.22 -27.69 -17.84
CA LEU B 196 23.86 -27.16 -17.72
C LEU B 196 23.09 -27.85 -16.60
N ALA B 197 23.24 -29.17 -16.48
CA ALA B 197 22.57 -29.87 -15.39
C ALA B 197 22.99 -29.30 -14.04
N ASN B 198 24.30 -29.07 -13.88
CA ASN B 198 24.81 -28.58 -12.61
C ASN B 198 24.29 -27.17 -12.30
N LEU B 199 24.34 -26.27 -13.28
CA LEU B 199 23.84 -24.92 -13.01
C LEU B 199 22.34 -24.91 -12.76
N ALA B 200 21.58 -25.76 -13.46
CA ALA B 200 20.15 -25.83 -13.19
C ALA B 200 19.88 -26.26 -11.75
N GLU B 201 20.53 -27.35 -11.32
CA GLU B 201 20.32 -27.83 -9.96
C GLU B 201 20.89 -26.89 -8.92
N LYS B 202 21.86 -26.05 -9.28
CA LYS B 202 22.32 -25.02 -8.35
C LYS B 202 21.31 -23.90 -8.22
N ASN B 203 20.75 -23.44 -9.35
CA ASN B 203 19.88 -22.26 -9.34
C ASN B 203 18.49 -22.54 -8.81
N SER B 204 18.03 -23.81 -8.89
CA SER B 204 16.64 -24.11 -8.58
C SER B 204 16.22 -23.59 -7.21
N ALA B 205 17.13 -23.59 -6.23
CA ALA B 205 16.75 -23.21 -4.87
C ALA B 205 16.28 -21.76 -4.81
N LYS B 206 17.10 -20.83 -5.31
CA LYS B 206 16.68 -19.43 -5.27
C LYS B 206 15.55 -19.18 -6.24
N PHE B 207 15.57 -19.84 -7.40
CA PHE B 207 14.50 -19.64 -8.36
C PHE B 207 13.17 -20.07 -7.76
N GLN B 208 13.20 -20.98 -6.79
CA GLN B 208 11.98 -21.39 -6.09
C GLN B 208 11.61 -20.49 -4.93
N ARG B 209 12.58 -19.98 -4.17
CA ARG B 209 12.24 -19.08 -3.07
C ARG B 209 11.70 -17.74 -3.57
N ALA B 210 12.06 -17.35 -4.80
CA ALA B 210 11.57 -16.08 -5.33
C ALA B 210 10.04 -16.05 -5.42
N GLN B 211 9.43 -17.12 -5.93
CA GLN B 211 7.98 -17.15 -6.07
C GLN B 211 7.28 -17.08 -4.72
N LYS B 212 7.82 -17.79 -3.73
CA LYS B 212 7.24 -17.73 -2.39
C LYS B 212 7.28 -16.31 -1.83
N LYS B 213 8.41 -15.62 -2.01
CA LYS B 213 8.48 -14.26 -1.47
C LYS B 213 7.51 -13.33 -2.19
N LYS B 214 7.31 -13.55 -3.50
CA LYS B 214 6.33 -12.74 -4.23
C LYS B 214 4.91 -12.97 -3.72
N LYS B 215 4.53 -14.24 -3.52
CA LYS B 215 3.19 -14.54 -3.01
C LYS B 215 2.98 -13.96 -1.62
N ALA B 216 3.99 -14.07 -0.76
CA ALA B 216 3.88 -13.48 0.57
C ALA B 216 3.70 -11.96 0.49
N LEU B 217 4.44 -11.31 -0.42
CA LEU B 217 4.28 -9.87 -0.62
C LEU B 217 2.84 -9.53 -1.00
N VAL B 218 2.26 -10.29 -1.93
CA VAL B 218 0.88 -10.03 -2.34
C VAL B 218 -0.06 -10.12 -1.14
N ASP B 219 0.06 -11.21 -0.38
CA ASP B 219 -0.86 -11.42 0.74
C ASP B 219 -0.75 -10.30 1.76
N GLU B 220 0.49 -9.95 2.14
CA GLU B 220 0.68 -8.92 3.16
C GLU B 220 0.20 -7.55 2.69
N ILE B 221 0.46 -7.18 1.43
CA ILE B 221 0.06 -5.85 0.99
C ILE B 221 -1.47 -5.76 0.95
N THR B 222 -2.12 -6.85 0.53
CA THR B 222 -3.58 -6.84 0.53
C THR B 222 -4.13 -6.65 1.94
N GLN B 223 -3.59 -7.40 2.90
CA GLN B 223 -4.09 -7.28 4.28
C GLN B 223 -3.87 -5.86 4.82
N LEU B 224 -2.68 -5.31 4.60
CA LEU B 224 -2.37 -3.99 5.14
C LEU B 224 -3.26 -2.91 4.52
N GLN B 225 -3.46 -2.97 3.21
CA GLN B 225 -4.30 -1.97 2.57
C GLN B 225 -5.73 -2.04 3.09
N ALA B 226 -6.25 -3.26 3.26
CA ALA B 226 -7.60 -3.38 3.82
C ALA B 226 -7.67 -2.76 5.21
N ASP B 227 -6.63 -2.99 6.03
CA ASP B 227 -6.57 -2.37 7.35
C ASP B 227 -6.70 -0.86 7.23
N SER B 228 -5.89 -0.24 6.37
CA SER B 228 -5.87 1.22 6.28
C SER B 228 -7.22 1.76 5.83
N ASP B 229 -7.84 1.11 4.84
CA ASP B 229 -9.15 1.59 4.37
C ASP B 229 -10.20 1.51 5.46
N GLN B 230 -10.26 0.39 6.18
CA GLN B 230 -11.24 0.28 7.27
C GLN B 230 -11.02 1.36 8.31
N LYS B 231 -9.76 1.60 8.68
CA LYS B 231 -9.47 2.58 9.71
C LYS B 231 -9.87 3.99 9.26
N GLU B 232 -9.62 4.34 8.00
CA GLU B 232 -10.00 5.67 7.52
C GLU B 232 -11.51 5.84 7.49
N ASP B 233 -12.22 4.81 7.02
CA ASP B 233 -13.68 4.84 7.04
C ASP B 233 -14.19 5.08 8.45
N ALA B 234 -13.56 4.45 9.45
CA ALA B 234 -13.92 4.72 10.83
C ALA B 234 -13.60 6.17 11.21
N MET B 235 -12.47 6.69 10.73
CA MET B 235 -11.99 8.00 11.15
C MET B 235 -12.96 9.11 10.75
N SER B 236 -13.56 8.99 9.56
CA SER B 236 -14.18 10.11 8.84
C SER B 236 -14.85 11.25 9.65
N ASP B 237 -15.79 10.95 10.55
CA ASP B 237 -16.77 11.94 11.03
C ASP B 237 -16.31 12.78 12.23
N LEU B 238 -15.08 12.57 12.70
CA LEU B 238 -14.65 13.20 13.94
C LEU B 238 -14.50 14.70 13.81
N ALA B 239 -14.12 15.19 12.62
CA ALA B 239 -14.03 16.63 12.41
C ALA B 239 -15.39 17.31 12.56
N ASP B 240 -16.44 16.71 12.00
CA ASP B 240 -17.78 17.26 12.15
C ASP B 240 -18.22 17.26 13.60
N GLN B 241 -17.91 16.18 14.32
CA GLN B 241 -18.20 16.16 15.75
C GLN B 241 -17.53 17.34 16.45
N VAL B 242 -16.25 17.58 16.15
CA VAL B 242 -15.52 18.67 16.77
C VAL B 242 -16.16 20.01 16.42
N ALA B 243 -16.62 20.16 15.17
CA ALA B 243 -17.24 21.42 14.75
C ALA B 243 -18.49 21.72 15.56
N ALA B 244 -19.34 20.71 15.75
CA ALA B 244 -20.54 20.91 16.56
C ALA B 244 -20.16 21.32 17.98
N VAL B 245 -19.16 20.64 18.55
CA VAL B 245 -18.69 21.00 19.89
C VAL B 245 -18.28 22.47 19.93
N GLU B 246 -17.53 22.92 18.92
CA GLU B 246 -17.04 24.29 18.90
C GLU B 246 -18.19 25.29 18.87
N GLY B 247 -19.22 24.99 18.09
CA GLY B 247 -20.39 25.87 18.08
C GLY B 247 -21.02 26.00 19.45
N GLN B 248 -21.22 24.88 20.13
CA GLN B 248 -21.80 24.93 21.48
C GLN B 248 -20.91 25.75 22.42
N LYS B 249 -19.59 25.60 22.28
CA LYS B 249 -18.66 26.36 23.11
C LYS B 249 -18.82 27.85 22.91
N ALA B 250 -18.89 28.29 21.65
CA ALA B 250 -19.04 29.72 21.39
C ALA B 250 -20.34 30.24 22.01
N ASP B 251 -21.42 29.47 21.87
CA ASP B 251 -22.69 29.91 22.44
C ASP B 251 -22.58 30.08 23.96
N LEU B 252 -21.91 29.13 24.63
CA LEU B 252 -21.75 29.23 26.07
C LEU B 252 -20.94 30.46 26.47
N GLU B 253 -19.87 30.76 25.72
CA GLU B 253 -19.06 31.93 26.02
C GLU B 253 -19.90 33.20 25.93
N GLN B 254 -20.71 33.31 24.87
CA GLN B 254 -21.56 34.50 24.72
C GLN B 254 -22.52 34.63 25.90
N LYS B 255 -23.14 33.52 26.31
CA LYS B 255 -24.07 33.58 27.43
C LYS B 255 -23.40 34.10 28.69
N ILE B 256 -22.22 33.56 28.99
CA ILE B 256 -21.51 33.98 30.20
C ILE B 256 -21.21 35.47 30.15
N ASN B 257 -20.72 35.95 29.01
CA ASN B 257 -20.38 37.37 28.90
C ASN B 257 -21.59 38.26 29.15
N ALA B 258 -22.74 37.90 28.55
CA ALA B 258 -23.92 38.73 28.73
C ALA B 258 -24.33 38.78 30.19
N VAL B 259 -24.33 37.62 30.86
CA VAL B 259 -24.77 37.59 32.24
C VAL B 259 -23.86 38.45 33.12
N ALA B 260 -22.54 38.34 32.91
CA ALA B 260 -21.61 39.11 33.73
C ALA B 260 -21.79 40.61 33.53
N SER B 261 -21.98 41.04 32.28
CA SER B 261 -22.19 42.46 32.03
C SER B 261 -23.43 42.98 32.74
N GLU B 262 -24.53 42.24 32.62
CA GLU B 262 -25.76 42.63 33.31
C GLU B 262 -25.52 42.78 34.81
N ALA B 263 -24.82 41.80 35.39
CA ALA B 263 -24.60 41.82 36.84
C ALA B 263 -23.82 43.04 37.27
N ASP B 264 -22.73 43.37 36.56
CA ASP B 264 -21.90 44.50 37.01
C ASP B 264 -22.65 45.81 36.87
N SER B 265 -23.39 45.99 35.77
CA SER B 265 -24.18 47.21 35.61
C SER B 265 -25.18 47.34 36.75
N LEU B 266 -25.83 46.24 37.11
CA LEU B 266 -26.82 46.29 38.18
C LEU B 266 -26.16 46.66 39.50
N TYR B 267 -24.94 46.16 39.75
CA TYR B 267 -24.23 46.53 40.96
C TYR B 267 -23.98 48.02 41.03
N GLU B 268 -23.53 48.62 39.93
CA GLU B 268 -23.29 50.06 39.94
C GLU B 268 -24.58 50.82 40.24
N GLU B 269 -25.67 50.41 39.61
CA GLU B 269 -26.95 51.03 39.90
C GLU B 269 -27.29 50.94 41.38
N ASN B 270 -27.09 49.77 41.97
CA ASN B 270 -27.42 49.58 43.38
C ASN B 270 -26.60 50.50 44.28
N GLU B 271 -25.31 50.62 44.00
CA GLU B 271 -24.47 51.48 44.85
C GLU B 271 -24.94 52.93 44.77
N ARG B 272 -25.26 53.40 43.57
CA ARG B 272 -25.75 54.78 43.44
C ARG B 272 -27.04 54.98 44.22
N LEU B 273 -27.97 54.04 44.10
CA LEU B 273 -29.24 54.17 44.81
C LEU B 273 -29.05 54.12 46.31
N GLN B 274 -28.12 53.28 46.81
CA GLN B 274 -27.89 53.22 48.25
C GLN B 274 -27.33 54.53 48.77
N GLY B 275 -26.42 55.14 48.02
CA GLY B 275 -25.93 56.45 48.40
C GLY B 275 -27.05 57.48 48.49
N GLU B 276 -27.92 57.49 47.47
CA GLU B 276 -29.05 58.40 47.50
C GLU B 276 -29.96 58.13 48.70
N ILE B 277 -30.18 56.85 49.02
CA ILE B 277 -31.04 56.47 50.13
C ILE B 277 -30.52 57.07 51.43
N ASP B 278 -29.22 56.86 51.71
CA ASP B 278 -28.67 57.39 52.95
C ASP B 278 -28.72 58.92 52.96
N ARG B 279 -28.39 59.55 51.84
CA ARG B 279 -28.44 61.01 51.77
C ARG B 279 -29.83 61.52 52.10
N LEU B 280 -30.87 60.87 51.58
CA LEU B 280 -32.22 61.35 51.80
C LEU B 280 -32.70 61.04 53.21
N ASN B 281 -32.30 59.91 53.78
CA ASN B 281 -32.71 59.60 55.15
C ASN B 281 -32.00 60.49 56.15
N ARG B 282 -30.90 61.11 55.75
CA ARG B 282 -30.20 62.02 56.65
C ARG B 282 -31.12 63.14 57.14
N THR B 283 -31.92 63.71 56.23
CA THR B 283 -32.81 64.80 56.57
C THR B 283 -34.23 64.34 56.86
N GLY B 284 -34.55 63.07 56.64
CA GLY B 284 -35.87 62.57 56.91
C GLY B 284 -36.90 62.81 55.84
N GLY B 285 -36.54 62.62 54.57
CA GLY B 285 -37.49 62.74 53.48
C GLY B 285 -38.03 64.15 53.30
N ARG B 286 -37.15 65.14 53.39
CA ARG B 286 -37.48 66.55 53.26
C ARG B 286 -38.53 67.00 54.27
N ASP B 287 -38.41 66.54 55.51
CA ASP B 287 -39.35 66.84 56.58
C ASP B 287 -40.78 66.45 56.22
#